data_4YMZ
#
_entry.id   4YMZ
#
_cell.length_a   103.758
_cell.length_b   103.758
_cell.length_c   113.505
_cell.angle_alpha   90.00
_cell.angle_beta   90.00
_cell.angle_gamma   120.00
#
_symmetry.space_group_name_H-M   'P 32 2 1'
#
loop_
_entity.id
_entity.type
_entity.pdbx_description
1 polymer 'Triosephosphate isomerase'
2 non-polymer 1,3-DIHYDROXYACETONEPHOSPHATE
3 non-polymer 'SULFATE ION'
4 non-polymer 1,2-ETHANEDIOL
5 water water
#
_entity_poly.entity_id   1
_entity_poly.type   'polypeptide(L)'
_entity_poly.pdbx_seq_one_letter_code
;MARKTIIAGNWKMNLSLKEAVFLAHSIREKIPSISKDKVSMVFPSTLHLENVSKILEGSSVIVGAQNCYHSGLAAFTGET
SPDQLKEIGVKVVMVGHSERRQFLGESNFFCNDKIRFLLKNEFTVLYCVGETLSERESGKTLEVLSSQIREGLKGIDSVF
FSNLILAYEPVWAIGTGKVATPSQAQEVHSFIRKEISGLFVGASSISESISILYGGSVKPDNIQDLLKEKDIDGGLVGGA
SQKISSFAGLF
;
_entity_poly.pdbx_strand_id   A,B
#
loop_
_chem_comp.id
_chem_comp.type
_chem_comp.name
_chem_comp.formula
13P non-polymer 1,3-DIHYDROXYACETONEPHOSPHATE 'C3 H7 O6 P'
EDO non-polymer 1,2-ETHANEDIOL 'C2 H6 O2'
SO4 non-polymer 'SULFATE ION' 'O4 S -2'
#
# COMPACT_ATOMS: atom_id res chain seq x y z
N ALA A 2 16.42 31.99 6.14
CA ALA A 2 16.58 30.61 6.70
C ALA A 2 15.69 29.63 5.92
N ARG A 3 16.22 28.44 5.68
CA ARG A 3 15.40 27.28 5.35
C ARG A 3 14.47 26.97 6.56
N LYS A 4 13.29 26.43 6.31
CA LYS A 4 12.39 25.91 7.36
C LYS A 4 12.93 24.62 8.03
N THR A 5 12.74 24.55 9.34
CA THR A 5 13.07 23.34 10.05
C THR A 5 11.82 22.49 10.11
N ILE A 6 11.95 21.20 9.81
CA ILE A 6 10.83 20.30 9.85
C ILE A 6 11.09 19.17 10.78
N ILE A 7 10.16 18.82 11.65
CA ILE A 7 10.35 17.61 12.49
C ILE A 7 9.20 16.72 12.07
N ALA A 8 9.50 15.58 11.44
CA ALA A 8 8.46 14.69 10.89
C ALA A 8 8.48 13.38 11.51
N GLY A 9 7.32 12.91 11.92
CA GLY A 9 7.21 11.60 12.49
C GLY A 9 6.68 10.57 11.53
N ASN A 10 7.37 9.43 11.41
CA ASN A 10 6.92 8.30 10.65
C ASN A 10 6.49 7.15 11.53
N TRP A 11 5.18 6.86 11.51
CA TRP A 11 4.59 5.87 12.38
C TRP A 11 4.71 4.47 11.73
N LYS A 12 5.31 4.41 10.55
CA LYS A 12 5.43 3.17 9.80
C LYS A 12 4.19 2.27 9.93
N MET A 13 4.41 0.99 10.15
CA MET A 13 3.33 0.07 10.38
C MET A 13 3.30 -0.40 11.87
N ASN A 14 3.74 0.49 12.74
CA ASN A 14 4.06 0.15 14.16
C ASN A 14 2.87 0.28 15.14
N LEU A 15 1.83 0.97 14.71
CA LEU A 15 0.72 1.34 15.61
C LEU A 15 -0.66 0.73 15.29
N SER A 16 -1.41 0.39 16.36
CA SER A 16 -2.81 0.08 16.25
C SER A 16 -3.55 1.36 16.01
N LEU A 17 -4.79 1.23 15.59
CA LEU A 17 -5.65 2.39 15.38
C LEU A 17 -5.83 3.11 16.72
N LYS A 18 -6.10 2.36 17.76
CA LYS A 18 -6.32 2.91 19.08
C LYS A 18 -5.10 3.77 19.47
N GLU A 19 -3.93 3.21 19.23
CA GLU A 19 -2.71 3.94 19.48
C GLU A 19 -2.54 5.16 18.57
N ALA A 20 -2.87 5.04 17.31
CA ALA A 20 -2.72 6.17 16.40
C ALA A 20 -3.66 7.35 16.82
N VAL A 21 -4.84 6.98 17.23
CA VAL A 21 -5.87 7.95 17.64
C VAL A 21 -5.43 8.68 18.93
N PHE A 22 -5.00 7.94 19.92
CA PHE A 22 -4.47 8.48 21.13
C PHE A 22 -3.27 9.40 20.90
N LEU A 23 -2.32 8.95 20.05
CA LEU A 23 -1.20 9.73 19.65
C LEU A 23 -1.62 11.01 18.89
N ALA A 24 -2.58 10.93 17.96
CA ALA A 24 -3.02 12.10 17.21
C ALA A 24 -3.67 13.20 18.13
N HIS A 25 -4.51 12.71 19.04
CA HIS A 25 -5.10 13.62 20.03
C HIS A 25 -4.02 14.22 20.87
N SER A 26 -3.06 13.42 21.36
CA SER A 26 -2.07 13.96 22.28
C SER A 26 -1.24 14.98 21.55
N ILE A 27 -0.93 14.65 20.29
CA ILE A 27 -0.15 15.57 19.47
C ILE A 27 -0.88 16.89 19.23
N ARG A 28 -2.17 16.81 19.05
CA ARG A 28 -2.91 18.02 18.81
C ARG A 28 -2.90 18.96 20.04
N GLU A 29 -3.02 18.35 21.19
CA GLU A 29 -2.99 19.02 22.50
C GLU A 29 -1.66 19.57 22.79
N LYS A 30 -0.62 18.80 22.47
CA LYS A 30 0.70 19.20 22.87
C LYS A 30 1.64 19.97 21.93
N ILE A 31 1.69 19.60 20.64
CA ILE A 31 2.72 20.12 19.80
C ILE A 31 2.61 21.56 19.31
N PRO A 32 1.40 22.03 18.94
CA PRO A 32 1.21 23.39 18.41
C PRO A 32 1.70 24.48 19.32
N SER A 33 1.60 24.26 20.61
CA SER A 33 2.11 25.24 21.55
C SER A 33 3.62 25.31 21.62
N ILE A 34 4.32 24.20 21.33
CA ILE A 34 5.77 24.14 21.44
C ILE A 34 6.60 24.04 20.14
N SER A 35 5.97 23.97 18.98
CA SER A 35 6.67 23.78 17.77
C SER A 35 7.33 25.06 17.38
N LYS A 36 6.75 26.21 17.75
CA LYS A 36 7.38 27.51 17.49
C LYS A 36 7.59 27.79 16.01
N ASP A 37 8.84 27.88 15.62
CA ASP A 37 9.30 28.18 14.28
C ASP A 37 9.23 26.91 13.37
N LYS A 38 9.22 25.74 13.99
CA LYS A 38 9.40 24.47 13.29
C LYS A 38 8.11 23.96 12.71
N VAL A 39 8.22 23.29 11.57
CA VAL A 39 7.06 22.63 10.93
C VAL A 39 6.94 21.29 11.57
N SER A 40 5.74 20.86 12.03
CA SER A 40 5.57 19.51 12.53
C SER A 40 4.75 18.71 11.54
N MET A 41 5.02 17.42 11.45
CA MET A 41 4.46 16.57 10.42
C MET A 41 4.39 15.18 10.95
N VAL A 42 3.34 14.44 10.57
CA VAL A 42 3.18 13.08 10.98
C VAL A 42 2.74 12.25 9.82
N PHE A 43 3.20 11.01 9.81
CA PHE A 43 2.84 10.06 8.73
C PHE A 43 2.21 8.79 9.31
N PRO A 44 0.90 8.79 9.50
CA PRO A 44 0.21 7.60 9.98
C PRO A 44 0.14 6.51 8.94
N SER A 45 -0.26 5.30 9.35
CA SER A 45 -0.46 4.20 8.40
C SER A 45 -1.62 4.56 7.55
N THR A 46 -1.64 4.09 6.30
CA THR A 46 -2.78 4.40 5.42
C THR A 46 -4.18 4.12 5.98
N LEU A 47 -4.35 2.96 6.62
CA LEU A 47 -5.63 2.53 7.19
C LEU A 47 -6.13 3.56 8.20
N HIS A 48 -5.24 4.40 8.73
CA HIS A 48 -5.56 5.33 9.82
C HIS A 48 -5.58 6.79 9.39
N LEU A 49 -5.26 7.08 8.14
CA LEU A 49 -5.08 8.44 7.68
C LEU A 49 -6.37 9.25 7.75
N GLU A 50 -7.51 8.70 7.32
CA GLU A 50 -8.75 9.47 7.36
C GLU A 50 -9.06 9.93 8.81
N ASN A 51 -8.92 9.01 9.74
CA ASN A 51 -9.19 9.25 11.16
C ASN A 51 -8.25 10.28 11.73
N VAL A 52 -6.93 10.08 11.55
CA VAL A 52 -5.96 11.00 12.05
C VAL A 52 -6.06 12.39 11.41
N SER A 53 -6.25 12.42 10.11
CA SER A 53 -6.48 13.62 9.42
C SER A 53 -7.61 14.46 10.02
N LYS A 54 -8.74 13.83 10.28
CA LYS A 54 -9.87 14.49 10.94
C LYS A 54 -9.43 15.05 12.28
N ILE A 55 -8.69 14.26 13.07
CA ILE A 55 -8.26 14.69 14.40
C ILE A 55 -7.41 15.95 14.35
N LEU A 56 -6.52 16.04 13.33
CA LEU A 56 -5.59 17.11 13.21
C LEU A 56 -6.05 18.27 12.32
N GLU A 57 -7.19 18.16 11.68
CA GLU A 57 -7.66 19.22 10.73
C GLU A 57 -7.82 20.58 11.43
N GLY A 58 -7.19 21.59 10.88
CA GLY A 58 -7.24 22.95 11.47
C GLY A 58 -6.16 23.23 12.50
N SER A 59 -5.33 22.22 12.82
CA SER A 59 -4.19 22.37 13.72
C SER A 59 -2.96 22.72 12.88
N SER A 60 -1.82 23.04 13.49
CA SER A 60 -0.67 23.38 12.69
C SER A 60 0.15 22.09 12.30
N VAL A 61 -0.31 20.91 12.71
CA VAL A 61 0.35 19.61 12.40
C VAL A 61 -0.13 19.01 11.07
N ILE A 62 0.85 18.90 10.21
CA ILE A 62 0.66 18.41 8.83
C ILE A 62 0.63 16.86 8.86
N VAL A 63 -0.32 16.30 8.13
CA VAL A 63 -0.47 14.89 7.95
C VAL A 63 0.00 14.47 6.55
N GLY A 64 0.84 13.46 6.53
CA GLY A 64 1.38 12.95 5.23
C GLY A 64 1.12 11.48 5.08
N ALA A 65 1.22 10.96 3.83
CA ALA A 65 1.03 9.50 3.57
C ALA A 65 2.38 8.86 3.38
N GLN A 66 2.44 7.57 3.72
CA GLN A 66 3.70 6.81 3.67
C GLN A 66 4.10 6.27 2.29
N ASN A 67 3.14 6.26 1.38
CA ASN A 67 3.35 5.79 0.03
C ASN A 67 2.10 6.07 -0.78
N CYS A 68 2.21 6.10 -2.11
CA CYS A 68 1.04 6.10 -2.97
C CYS A 68 1.53 5.50 -4.27
N TYR A 69 0.63 5.39 -5.22
CA TYR A 69 0.96 5.02 -6.58
C TYR A 69 0.87 6.25 -7.51
N HIS A 70 1.60 6.21 -8.60
CA HIS A 70 1.61 7.31 -9.59
C HIS A 70 0.38 7.31 -10.55
N SER A 71 -0.82 7.37 -10.00
CA SER A 71 -2.03 7.52 -10.88
C SER A 71 -3.16 8.14 -10.10
N GLY A 72 -4.02 8.86 -10.81
CA GLY A 72 -5.31 9.11 -10.31
C GLY A 72 -6.20 7.88 -10.23
N LEU A 73 -7.47 8.10 -9.91
CA LEU A 73 -8.32 6.96 -9.67
C LEU A 73 -8.29 6.02 -10.88
N ALA A 74 -8.17 4.71 -10.62
CA ALA A 74 -7.85 3.77 -11.68
C ALA A 74 -7.79 2.36 -11.07
N ALA A 75 -7.50 1.40 -11.96
CA ALA A 75 -7.55 -0.04 -11.61
C ALA A 75 -6.18 -0.54 -11.12
N PHE A 76 -5.82 -0.19 -9.87
CA PHE A 76 -4.54 -0.68 -9.27
C PHE A 76 -4.88 -1.20 -7.88
N THR A 77 -5.26 -2.47 -7.81
CA THR A 77 -5.71 -3.14 -6.59
C THR A 77 -4.57 -3.00 -5.54
N GLY A 78 -5.00 -2.64 -4.36
CA GLY A 78 -4.10 -2.48 -3.19
C GLY A 78 -3.43 -1.16 -3.10
N GLU A 79 -3.41 -0.35 -4.16
CA GLU A 79 -2.70 0.93 -4.12
C GLU A 79 -3.55 2.11 -3.66
N THR A 80 -2.87 3.18 -3.27
CA THR A 80 -3.54 4.46 -2.84
C THR A 80 -3.27 5.58 -3.85
N SER A 81 -4.29 6.26 -4.31
CA SER A 81 -4.15 7.32 -5.25
C SER A 81 -3.95 8.66 -4.58
N PRO A 82 -3.07 9.49 -5.11
CA PRO A 82 -3.04 10.92 -4.68
C PRO A 82 -4.43 11.61 -4.78
N ASP A 83 -5.28 11.21 -5.73
CA ASP A 83 -6.63 11.76 -5.72
C ASP A 83 -7.36 11.47 -4.40
N GLN A 84 -7.17 10.29 -3.85
CA GLN A 84 -7.81 9.90 -2.63
C GLN A 84 -7.21 10.58 -1.41
N LEU A 85 -5.94 10.81 -1.45
CA LEU A 85 -5.30 11.60 -0.40
C LEU A 85 -5.73 13.13 -0.37
N LYS A 86 -5.70 13.81 -1.50
CA LYS A 86 -6.10 15.22 -1.63
C LYS A 86 -7.47 15.36 -0.97
N GLU A 87 -8.36 14.39 -1.20
CA GLU A 87 -9.75 14.42 -0.70
C GLU A 87 -9.91 14.50 0.78
N ILE A 88 -9.02 13.87 1.53
CA ILE A 88 -9.04 13.96 2.98
C ILE A 88 -8.02 14.94 3.50
N GLY A 89 -7.56 15.80 2.63
CA GLY A 89 -6.66 16.85 3.01
C GLY A 89 -5.19 16.50 3.15
N VAL A 90 -4.78 15.30 2.68
CA VAL A 90 -3.41 14.91 2.76
C VAL A 90 -2.67 15.33 1.49
N LYS A 91 -1.66 16.17 1.67
CA LYS A 91 -0.96 16.78 0.57
C LYS A 91 0.57 16.54 0.55
N VAL A 92 1.10 15.75 1.51
CA VAL A 92 2.53 15.42 1.54
C VAL A 92 2.63 13.88 1.44
N VAL A 93 3.51 13.35 0.57
CA VAL A 93 3.66 11.91 0.38
C VAL A 93 5.16 11.60 0.42
N MET A 94 5.51 10.55 1.13
CA MET A 94 6.82 10.00 1.22
C MET A 94 7.03 9.04 0.06
N VAL A 95 8.23 9.17 -0.48
CA VAL A 95 8.69 8.33 -1.56
C VAL A 95 10.05 7.79 -1.27
N GLY A 96 10.22 6.47 -1.50
CA GLY A 96 11.55 5.90 -1.42
C GLY A 96 12.12 5.56 -0.06
N HIS A 97 11.26 5.48 0.94
CA HIS A 97 11.72 5.07 2.25
C HIS A 97 12.50 3.72 2.12
N SER A 98 13.55 3.57 2.94
N SER A 98 13.55 3.56 2.92
CA SER A 98 14.41 2.42 2.87
CA SER A 98 14.40 2.40 2.82
C SER A 98 13.69 1.08 2.95
C SER A 98 13.68 1.06 2.93
N GLU A 99 12.64 0.98 3.78
CA GLU A 99 11.86 -0.23 3.90
C GLU A 99 11.12 -0.54 2.67
N ARG A 100 10.69 0.48 1.93
CA ARG A 100 10.11 0.16 0.62
C ARG A 100 11.14 -0.24 -0.42
N ARG A 101 12.29 0.41 -0.42
CA ARG A 101 13.35 0.02 -1.37
C ARG A 101 13.81 -1.43 -1.12
N GLN A 102 14.01 -1.80 0.12
CA GLN A 102 14.53 -3.12 0.46
C GLN A 102 13.54 -4.23 0.55
N PHE A 103 12.34 -3.99 1.06
CA PHE A 103 11.42 -5.03 1.29
C PHE A 103 10.31 -5.03 0.27
N LEU A 104 10.05 -3.93 -0.39
CA LEU A 104 9.04 -3.91 -1.46
C LEU A 104 9.66 -3.65 -2.85
N GLY A 105 10.98 -3.72 -2.92
CA GLY A 105 11.68 -3.60 -4.24
C GLY A 105 11.54 -2.28 -5.05
N GLU A 106 11.34 -1.17 -4.37
CA GLU A 106 11.20 0.12 -5.07
C GLU A 106 12.54 0.64 -5.58
N SER A 107 12.68 0.85 -6.90
CA SER A 107 13.91 1.29 -7.53
C SER A 107 13.92 2.81 -7.60
N ASN A 108 15.07 3.35 -8.00
CA ASN A 108 15.15 4.79 -8.19
C ASN A 108 14.18 5.25 -9.25
N PHE A 109 14.01 4.41 -10.26
CA PHE A 109 13.19 4.79 -11.41
C PHE A 109 11.72 4.80 -11.05
N PHE A 110 11.27 3.77 -10.32
CA PHE A 110 9.94 3.78 -9.70
C PHE A 110 9.75 4.99 -8.83
N CYS A 111 10.70 5.33 -7.98
CA CYS A 111 10.58 6.54 -7.20
C CYS A 111 10.42 7.77 -8.09
N ASN A 112 11.25 7.89 -9.10
CA ASN A 112 11.19 9.02 -10.02
C ASN A 112 9.78 9.15 -10.65
N ASP A 113 9.18 8.03 -11.04
CA ASP A 113 7.79 8.04 -11.54
C ASP A 113 6.81 8.62 -10.52
N LYS A 114 6.93 8.21 -9.25
CA LYS A 114 6.06 8.74 -8.25
C LYS A 114 6.30 10.23 -7.98
N ILE A 115 7.55 10.64 -7.87
CA ILE A 115 7.90 12.01 -7.60
C ILE A 115 7.35 12.91 -8.70
N ARG A 116 7.54 12.52 -9.94
CA ARG A 116 7.08 13.30 -11.09
C ARG A 116 5.59 13.43 -11.05
N PHE A 117 4.89 12.35 -10.79
CA PHE A 117 3.41 12.41 -10.76
C PHE A 117 2.93 13.31 -9.61
N LEU A 118 3.56 13.21 -8.46
CA LEU A 118 3.09 13.94 -7.29
C LEU A 118 3.40 15.41 -7.47
N LEU A 119 4.64 15.71 -7.90
CA LEU A 119 4.98 17.11 -8.06
C LEU A 119 4.12 17.78 -9.17
N LYS A 120 3.88 17.10 -10.24
CA LYS A 120 2.98 17.57 -11.29
C LYS A 120 1.59 17.92 -10.77
N ASN A 121 1.09 17.14 -9.82
CA ASN A 121 -0.20 17.32 -9.22
C ASN A 121 -0.21 18.16 -7.98
N GLU A 122 0.88 18.87 -7.74
CA GLU A 122 0.93 19.92 -6.73
C GLU A 122 0.93 19.33 -5.32
N PHE A 123 1.45 18.11 -5.19
CA PHE A 123 1.74 17.56 -3.89
C PHE A 123 3.13 17.96 -3.42
N THR A 124 3.38 17.86 -2.14
CA THR A 124 4.71 17.92 -1.63
C THR A 124 5.26 16.49 -1.41
N VAL A 125 6.53 16.33 -1.82
CA VAL A 125 7.16 15.01 -1.84
C VAL A 125 8.25 15.02 -0.77
N LEU A 126 8.29 14.03 0.10
CA LEU A 126 9.46 13.81 0.97
C LEU A 126 10.23 12.57 0.42
N TYR A 127 11.34 12.78 -0.30
CA TYR A 127 12.07 11.72 -1.02
C TYR A 127 13.23 11.30 -0.14
N CYS A 128 13.27 10.03 0.20
CA CYS A 128 14.25 9.40 1.09
C CYS A 128 15.43 8.77 0.29
N VAL A 129 16.66 9.08 0.72
CA VAL A 129 17.88 8.56 0.17
C VAL A 129 18.73 7.98 1.32
N GLY A 130 19.63 7.05 1.00
CA GLY A 130 20.60 6.58 2.02
C GLY A 130 21.28 5.30 1.54
N GLU A 131 22.51 5.05 2.06
CA GLU A 131 23.31 3.93 1.63
C GLU A 131 23.28 2.88 2.74
N THR A 132 23.51 1.63 2.35
CA THR A 132 23.61 0.58 3.35
C THR A 132 25.02 0.59 4.07
N LEU A 133 25.16 -0.22 5.07
CA LEU A 133 26.42 -0.31 5.76
C LEU A 133 27.47 -0.82 4.78
N SER A 134 27.08 -1.85 4.06
CA SER A 134 27.95 -2.48 3.13
C SER A 134 28.38 -1.52 2.01
N GLU A 135 27.47 -0.74 1.48
CA GLU A 135 27.80 0.21 0.46
C GLU A 135 28.75 1.27 1.05
N ARG A 136 28.48 1.72 2.27
CA ARG A 136 29.36 2.70 2.93
C ARG A 136 30.82 2.15 3.06
N GLU A 137 30.91 0.99 3.68
CA GLU A 137 32.18 0.28 3.86
C GLU A 137 32.91 0.03 2.57
N SER A 138 32.20 -0.28 1.46
CA SER A 138 32.86 -0.58 0.21
C SER A 138 33.26 0.58 -0.63
N GLY A 139 33.09 1.83 -0.18
CA GLY A 139 33.42 2.97 -1.02
C GLY A 139 32.32 3.44 -1.94
N LYS A 140 31.06 2.99 -1.69
CA LYS A 140 29.96 3.38 -2.55
C LYS A 140 28.97 4.43 -1.99
N THR A 141 29.26 5.07 -0.86
CA THR A 141 28.34 6.11 -0.30
C THR A 141 27.98 7.18 -1.31
N LEU A 142 28.99 7.80 -1.91
CA LEU A 142 28.79 8.84 -2.90
C LEU A 142 28.16 8.34 -4.17
N GLU A 143 28.50 7.13 -4.63
CA GLU A 143 27.96 6.58 -5.87
C GLU A 143 26.44 6.32 -5.69
N VAL A 144 26.13 5.64 -4.59
CA VAL A 144 24.71 5.34 -4.23
C VAL A 144 23.91 6.66 -4.10
N LEU A 145 24.39 7.63 -3.29
CA LEU A 145 23.59 8.83 -3.05
C LEU A 145 23.40 9.65 -4.31
N SER A 146 24.49 9.76 -5.09
CA SER A 146 24.45 10.49 -6.36
C SER A 146 23.42 9.85 -7.31
N SER A 147 23.48 8.51 -7.40
CA SER A 147 22.51 7.74 -8.13
C SER A 147 21.05 7.92 -7.73
N GLN A 148 20.82 7.81 -6.44
CA GLN A 148 19.46 8.04 -5.93
C GLN A 148 18.93 9.41 -6.21
N ILE A 149 19.80 10.40 -6.12
CA ILE A 149 19.42 11.78 -6.35
C ILE A 149 19.19 12.02 -7.84
N ARG A 150 20.14 11.61 -8.65
CA ARG A 150 20.10 11.88 -10.08
C ARG A 150 19.01 11.11 -10.81
N GLU A 151 18.90 9.83 -10.54
CA GLU A 151 17.85 9.01 -11.07
C GLU A 151 16.47 9.34 -10.47
N GLY A 152 16.44 9.63 -9.18
CA GLY A 152 15.20 10.01 -8.52
C GLY A 152 14.62 11.28 -9.03
N LEU A 153 15.48 12.28 -9.29
CA LEU A 153 15.00 13.59 -9.70
C LEU A 153 15.12 13.90 -11.17
N LYS A 154 15.45 12.86 -11.93
CA LYS A 154 15.52 12.90 -13.42
C LYS A 154 14.28 13.59 -13.95
N GLY A 155 14.51 14.70 -14.63
CA GLY A 155 13.49 15.30 -15.45
C GLY A 155 12.50 16.11 -14.70
N ILE A 156 12.80 16.45 -13.44
CA ILE A 156 11.99 17.31 -12.65
C ILE A 156 12.43 18.76 -12.94
N ASP A 157 11.46 19.62 -13.29
CA ASP A 157 11.67 21.07 -13.54
C ASP A 157 11.94 21.83 -12.28
N SER A 158 12.73 22.90 -12.41
CA SER A 158 13.06 23.78 -11.31
CA SER A 158 13.06 23.78 -11.28
C SER A 158 11.78 24.25 -10.60
N VAL A 159 10.73 24.38 -11.41
CA VAL A 159 9.52 25.01 -10.89
C VAL A 159 8.92 24.29 -9.66
N PHE A 160 9.18 22.99 -9.62
CA PHE A 160 8.57 22.09 -8.63
C PHE A 160 9.40 21.90 -7.35
N PHE A 161 10.64 22.42 -7.33
CA PHE A 161 11.54 22.19 -6.16
C PHE A 161 11.08 22.83 -4.90
N SER A 162 10.26 23.87 -4.97
CA SER A 162 9.64 24.40 -3.78
C SER A 162 8.85 23.32 -3.02
N ASN A 163 8.39 22.27 -3.72
CA ASN A 163 7.59 21.22 -3.10
C ASN A 163 8.31 19.92 -2.88
N LEU A 164 9.63 19.97 -2.91
CA LEU A 164 10.47 18.77 -2.63
C LEU A 164 11.16 18.90 -1.35
N ILE A 165 11.13 17.83 -0.55
CA ILE A 165 11.87 17.76 0.72
C ILE A 165 12.68 16.48 0.56
N LEU A 166 13.91 16.49 0.99
CA LEU A 166 14.71 15.27 1.02
C LEU A 166 14.93 14.80 2.43
N ALA A 167 15.16 13.48 2.63
CA ALA A 167 15.62 12.96 3.90
C ALA A 167 16.73 11.98 3.65
N TYR A 168 17.81 12.21 4.32
CA TYR A 168 18.90 11.22 4.34
C TYR A 168 18.72 10.25 5.51
N GLU A 169 18.51 8.97 5.20
CA GLU A 169 18.40 8.00 6.22
C GLU A 169 19.32 6.86 5.90
N PRO A 170 20.49 6.87 6.53
CA PRO A 170 21.37 5.77 6.25
C PRO A 170 20.79 4.54 6.87
N VAL A 171 20.79 3.47 6.08
CA VAL A 171 20.08 2.24 6.43
C VAL A 171 20.68 1.68 7.70
N TRP A 172 22.00 1.81 7.88
CA TRP A 172 22.64 1.31 9.16
C TRP A 172 22.16 2.05 10.45
N ALA A 173 21.50 3.21 10.29
CA ALA A 173 20.92 3.96 11.42
C ALA A 173 19.43 3.74 11.63
N ILE A 174 18.77 2.95 10.77
CA ILE A 174 17.30 2.79 10.88
C ILE A 174 16.95 1.70 11.87
N GLY A 175 16.29 2.05 12.97
CA GLY A 175 15.97 1.06 14.00
C GLY A 175 17.11 0.31 14.68
N THR A 176 18.35 0.74 14.50
CA THR A 176 19.49 -0.03 15.02
C THR A 176 19.97 0.57 16.32
N GLY A 177 19.41 1.70 16.67
CA GLY A 177 19.98 2.54 17.74
C GLY A 177 21.33 3.14 17.37
N LYS A 178 21.76 3.10 16.12
CA LYS A 178 23.04 3.75 15.80
C LYS A 178 22.82 5.03 14.96
N VAL A 179 22.60 6.13 15.64
CA VAL A 179 22.39 7.40 14.97
C VAL A 179 23.70 7.89 14.33
N ALA A 180 23.66 8.51 13.14
CA ALA A 180 24.84 9.24 12.58
C ALA A 180 25.31 10.36 13.53
N THR A 181 26.63 10.58 13.66
CA THR A 181 27.06 11.75 14.42
C THR A 181 26.68 12.97 13.62
N PRO A 182 26.56 14.11 14.29
CA PRO A 182 26.37 15.31 13.58
C PRO A 182 27.40 15.51 12.45
N SER A 183 28.66 15.15 12.63
CA SER A 183 29.61 15.43 11.52
C SER A 183 29.34 14.54 10.39
N GLN A 184 29.09 13.28 10.67
CA GLN A 184 28.81 12.29 9.63
C GLN A 184 27.59 12.66 8.78
N ALA A 185 26.55 13.11 9.45
CA ALA A 185 25.35 13.55 8.77
C ALA A 185 25.60 14.80 7.96
N GLN A 186 26.28 15.78 8.57
CA GLN A 186 26.57 17.03 7.87
C GLN A 186 27.33 16.76 6.60
N GLU A 187 28.34 15.97 6.72
CA GLU A 187 29.13 15.67 5.54
C GLU A 187 28.32 15.06 4.38
N VAL A 188 27.41 14.14 4.68
CA VAL A 188 26.55 13.63 3.59
C VAL A 188 25.49 14.68 3.14
N HIS A 189 24.90 15.46 4.06
CA HIS A 189 23.94 16.50 3.66
C HIS A 189 24.63 17.53 2.74
N SER A 190 25.87 17.84 3.09
CA SER A 190 26.61 18.78 2.27
C SER A 190 26.75 18.25 0.85
N PHE A 191 27.13 16.97 0.77
CA PHE A 191 27.19 16.27 -0.51
C PHE A 191 25.87 16.20 -1.29
N ILE A 192 24.78 15.89 -0.59
CA ILE A 192 23.47 15.83 -1.24
C ILE A 192 23.13 17.20 -1.81
N ARG A 193 23.22 18.21 -0.98
CA ARG A 193 22.95 19.57 -1.51
C ARG A 193 23.80 19.96 -2.74
N LYS A 194 25.11 19.64 -2.72
CA LYS A 194 26.06 19.82 -3.86
C LYS A 194 25.51 19.09 -5.10
N GLU A 195 25.05 17.84 -4.94
CA GLU A 195 24.45 17.09 -6.04
C GLU A 195 23.23 17.81 -6.63
N ILE A 196 22.38 18.30 -5.79
CA ILE A 196 21.22 19.08 -6.25
C ILE A 196 21.66 20.31 -7.03
N SER A 197 22.64 21.00 -6.49
CA SER A 197 23.18 22.19 -7.14
C SER A 197 23.72 21.91 -8.53
N GLY A 198 24.02 20.66 -8.83
CA GLY A 198 24.63 20.29 -10.10
C GLY A 198 23.64 19.69 -11.06
N LEU A 199 22.36 19.63 -10.70
CA LEU A 199 21.40 18.97 -11.57
C LEU A 199 21.16 19.74 -12.88
N PHE A 200 21.36 21.05 -12.93
CA PHE A 200 21.16 21.81 -14.18
C PHE A 200 21.71 23.23 -14.00
N VAL A 201 21.96 23.96 -15.08
CA VAL A 201 22.55 25.29 -14.96
C VAL A 201 21.58 26.10 -14.12
N GLY A 202 22.10 26.84 -13.16
CA GLY A 202 21.30 27.67 -12.28
C GLY A 202 20.87 26.97 -11.00
N ALA A 203 21.04 25.65 -10.96
CA ALA A 203 20.56 24.87 -9.81
C ALA A 203 21.06 25.37 -8.48
N SER A 204 22.24 25.97 -8.41
N SER A 204 22.25 25.96 -8.42
CA SER A 204 22.79 26.35 -7.10
CA SER A 204 22.78 26.38 -7.12
C SER A 204 21.96 27.44 -6.48
C SER A 204 22.14 27.65 -6.67
N SER A 205 21.31 28.20 -7.37
N SER A 205 21.18 28.15 -7.47
CA SER A 205 20.38 29.23 -6.97
CA SER A 205 20.36 29.23 -7.01
C SER A 205 19.13 28.67 -6.30
C SER A 205 19.07 28.70 -6.40
N ILE A 206 18.85 27.38 -6.49
CA ILE A 206 17.66 26.71 -5.87
C ILE A 206 18.01 25.69 -4.78
N SER A 207 19.20 25.14 -4.84
CA SER A 207 19.62 24.13 -3.89
C SER A 207 19.69 24.62 -2.43
N GLU A 208 19.93 25.90 -2.18
CA GLU A 208 19.87 26.35 -0.78
C GLU A 208 18.48 26.42 -0.19
N SER A 209 17.47 26.28 -1.01
CA SER A 209 16.12 26.40 -0.50
C SER A 209 15.51 25.06 -0.07
N ILE A 210 16.12 23.97 -0.50
CA ILE A 210 15.51 22.63 -0.30
C ILE A 210 15.84 22.17 1.12
N SER A 211 14.84 21.77 1.88
CA SER A 211 15.04 21.17 3.19
C SER A 211 15.61 19.76 3.05
N ILE A 212 16.65 19.47 3.78
CA ILE A 212 17.22 18.14 3.81
C ILE A 212 17.24 17.68 5.25
N LEU A 213 16.37 16.73 5.52
CA LEU A 213 16.19 16.19 6.86
C LEU A 213 17.09 14.97 7.15
N TYR A 214 17.46 14.75 8.37
CA TYR A 214 18.25 13.57 8.72
C TYR A 214 17.30 12.60 9.36
N GLY A 215 17.42 11.31 9.01
CA GLY A 215 16.68 10.29 9.73
C GLY A 215 17.49 9.05 10.05
N GLY A 216 17.11 8.36 11.10
CA GLY A 216 17.78 7.17 11.52
C GLY A 216 18.18 7.28 12.96
N SER A 217 17.38 6.69 13.87
CA SER A 217 17.67 6.74 15.27
C SER A 217 17.73 8.15 15.88
N VAL A 218 16.95 9.08 15.33
CA VAL A 218 16.77 10.40 15.93
C VAL A 218 15.94 10.27 17.23
N LYS A 219 16.31 11.05 18.23
CA LYS A 219 15.71 10.96 19.56
C LYS A 219 15.86 12.32 20.20
N PRO A 220 15.13 12.55 21.30
CA PRO A 220 15.31 13.82 21.94
C PRO A 220 16.73 14.15 22.36
N ASP A 221 17.49 13.15 22.78
CA ASP A 221 18.80 13.45 23.36
C ASP A 221 19.84 13.61 22.25
N ASN A 222 19.46 13.42 20.99
CA ASN A 222 20.39 13.75 19.91
C ASN A 222 19.94 14.74 18.82
N ILE A 223 18.71 15.16 18.81
CA ILE A 223 18.24 16.00 17.73
C ILE A 223 18.88 17.39 17.69
N GLN A 224 19.15 18.02 18.83
CA GLN A 224 19.59 19.42 18.82
C GLN A 224 20.92 19.55 18.14
N ASP A 225 21.84 18.62 18.40
CA ASP A 225 23.16 18.69 17.80
C ASP A 225 23.11 18.43 16.33
N LEU A 226 22.21 17.55 15.90
CA LEU A 226 22.05 17.38 14.44
C LEU A 226 21.59 18.69 13.78
N LEU A 227 20.57 19.31 14.37
CA LEU A 227 19.95 20.50 13.76
C LEU A 227 20.88 21.69 13.65
N LYS A 228 21.84 21.75 14.56
CA LYS A 228 22.89 22.75 14.53
C LYS A 228 23.70 22.70 13.25
N GLU A 229 23.78 21.57 12.54
CA GLU A 229 24.70 21.48 11.41
C GLU A 229 24.12 22.27 10.26
N LYS A 230 24.99 22.82 9.44
CA LYS A 230 24.61 23.82 8.42
C LYS A 230 23.61 23.27 7.40
N ASP A 231 23.79 22.02 6.99
CA ASP A 231 22.94 21.46 5.95
C ASP A 231 21.87 20.46 6.40
N ILE A 232 21.65 20.39 7.69
CA ILE A 232 20.64 19.56 8.26
C ILE A 232 19.47 20.41 8.67
N ASP A 233 18.36 20.20 8.01
CA ASP A 233 17.19 21.07 8.15
C ASP A 233 16.06 20.42 8.93
N GLY A 234 16.31 19.35 9.68
CA GLY A 234 15.24 18.76 10.43
C GLY A 234 15.50 17.30 10.61
N GLY A 235 14.48 16.66 11.05
CA GLY A 235 14.54 15.28 11.33
C GLY A 235 13.38 14.50 10.84
N LEU A 236 13.65 13.29 10.36
CA LEU A 236 12.60 12.32 10.08
C LEU A 236 12.75 11.20 11.08
N VAL A 237 11.72 10.99 11.91
CA VAL A 237 11.85 10.26 13.14
C VAL A 237 10.94 9.10 13.19
N GLY A 238 11.51 7.92 13.41
CA GLY A 238 10.71 6.72 13.42
C GLY A 238 10.15 6.37 14.81
N GLY A 239 10.85 5.42 15.44
CA GLY A 239 10.47 4.96 16.76
C GLY A 239 10.15 6.04 17.78
N ALA A 240 10.98 7.05 17.88
CA ALA A 240 10.78 8.11 18.89
C ALA A 240 9.60 8.98 18.58
N SER A 241 9.05 8.89 17.37
CA SER A 241 7.85 9.64 17.09
C SER A 241 6.59 8.98 17.51
N GLN A 242 6.68 7.75 17.96
CA GLN A 242 5.47 6.93 18.08
C GLN A 242 4.84 6.98 19.47
N LYS A 243 5.42 7.79 20.35
CA LYS A 243 4.83 8.09 21.66
C LYS A 243 4.89 9.58 21.91
N ILE A 244 3.86 10.10 22.57
CA ILE A 244 3.79 11.53 22.66
C ILE A 244 5.00 12.08 23.42
N SER A 245 5.46 11.42 24.46
CA SER A 245 6.46 12.11 25.30
C SER A 245 7.79 12.29 24.54
N SER A 246 8.18 11.28 23.77
CA SER A 246 9.42 11.44 22.94
C SER A 246 9.19 12.31 21.72
N PHE A 247 7.98 12.31 21.13
CA PHE A 247 7.80 13.22 19.98
C PHE A 247 7.92 14.69 20.45
N ALA A 248 7.24 15.01 21.53
CA ALA A 248 7.25 16.37 22.05
C ALA A 248 8.62 16.81 22.49
N GLY A 249 9.44 15.86 22.94
CA GLY A 249 10.81 16.13 23.37
C GLY A 249 11.79 16.47 22.27
N LEU A 250 11.33 16.37 21.02
CA LEU A 250 12.07 16.75 19.89
C LEU A 250 11.95 18.25 19.61
N PHE A 251 10.93 18.88 20.17
CA PHE A 251 10.64 20.26 19.86
C PHE A 251 11.31 21.24 20.82
N ALA B 2 -20.90 -29.16 -0.13
CA ALA B 2 -21.32 -27.75 0.13
C ALA B 2 -20.17 -26.84 -0.26
N ARG B 3 -20.47 -25.88 -1.14
CA ARG B 3 -19.58 -24.79 -1.57
C ARG B 3 -20.29 -23.48 -1.46
N LYS B 4 -19.65 -22.44 -0.93
CA LYS B 4 -20.36 -21.12 -0.90
C LYS B 4 -20.37 -20.51 -2.31
N THR B 5 -21.48 -19.87 -2.70
CA THR B 5 -21.52 -19.02 -3.93
C THR B 5 -21.26 -17.61 -3.46
N ILE B 6 -20.27 -16.91 -4.06
CA ILE B 6 -19.78 -15.64 -3.53
C ILE B 6 -19.77 -14.61 -4.61
N ILE B 7 -20.29 -13.43 -4.35
CA ILE B 7 -20.17 -12.34 -5.30
C ILE B 7 -19.40 -11.30 -4.57
N ALA B 8 -18.23 -11.04 -5.09
CA ALA B 8 -17.30 -10.12 -4.42
C ALA B 8 -17.05 -8.95 -5.37
N GLY B 9 -17.04 -7.75 -4.79
CA GLY B 9 -16.73 -6.50 -5.50
C GLY B 9 -15.36 -6.00 -5.11
N ASN B 10 -14.51 -5.75 -6.11
CA ASN B 10 -13.16 -5.21 -5.89
C ASN B 10 -13.23 -3.73 -6.38
N TRP B 11 -13.22 -2.82 -5.43
CA TRP B 11 -13.29 -1.30 -5.73
C TRP B 11 -11.96 -0.76 -6.19
N LYS B 12 -10.95 -1.63 -6.13
CA LYS B 12 -9.63 -1.25 -6.57
C LYS B 12 -9.26 0.15 -6.05
N MET B 13 -8.61 0.98 -6.87
CA MET B 13 -8.26 2.34 -6.55
C MET B 13 -9.15 3.28 -7.33
N ASN B 14 -10.35 2.83 -7.63
CA ASN B 14 -11.26 3.52 -8.58
C ASN B 14 -12.20 4.56 -7.94
N LEU B 15 -12.39 4.52 -6.63
CA LEU B 15 -13.35 5.39 -5.99
C LEU B 15 -12.80 6.46 -5.08
N SER B 16 -13.47 7.61 -5.05
CA SER B 16 -13.31 8.59 -3.99
C SER B 16 -13.92 8.10 -2.71
N LEU B 17 -13.53 8.72 -1.61
CA LEU B 17 -14.14 8.40 -0.35
C LEU B 17 -15.66 8.66 -0.36
N LYS B 18 -16.04 9.75 -1.00
CA LYS B 18 -17.46 10.12 -1.02
C LYS B 18 -18.21 8.99 -1.79
N GLU B 19 -17.65 8.52 -2.89
CA GLU B 19 -18.25 7.38 -3.63
C GLU B 19 -18.27 6.10 -2.84
N ALA B 20 -17.16 5.80 -2.15
CA ALA B 20 -17.12 4.58 -1.40
C ALA B 20 -18.13 4.57 -0.31
N VAL B 21 -18.28 5.70 0.39
CA VAL B 21 -19.25 5.84 1.53
C VAL B 21 -20.71 5.70 1.02
N PHE B 22 -21.02 6.32 -0.11
CA PHE B 22 -22.35 6.20 -0.67
C PHE B 22 -22.68 4.79 -1.11
N LEU B 23 -21.69 4.16 -1.74
CA LEU B 23 -21.80 2.83 -2.16
C LEU B 23 -22.04 1.88 -1.00
N ALA B 24 -21.29 2.02 0.09
CA ALA B 24 -21.50 1.22 1.25
C ALA B 24 -22.88 1.35 1.85
N HIS B 25 -23.35 2.58 1.97
CA HIS B 25 -24.73 2.82 2.50
C HIS B 25 -25.75 2.20 1.57
N SER B 26 -25.54 2.34 0.24
CA SER B 26 -26.48 1.78 -0.71
C SER B 26 -26.49 0.27 -0.68
N ILE B 27 -25.29 -0.30 -0.60
CA ILE B 27 -25.16 -1.73 -0.48
C ILE B 27 -25.85 -2.27 0.77
N ARG B 28 -25.63 -1.63 1.92
CA ARG B 28 -26.25 -2.10 3.18
C ARG B 28 -27.77 -2.11 3.09
N GLU B 29 -28.26 -1.09 2.42
CA GLU B 29 -29.70 -0.88 2.30
C GLU B 29 -30.26 -1.97 1.37
N LYS B 30 -29.63 -2.28 0.23
CA LYS B 30 -30.22 -3.09 -0.86
C LYS B 30 -29.79 -4.58 -0.94
N ILE B 31 -28.54 -4.91 -0.61
CA ILE B 31 -28.01 -6.29 -0.93
C ILE B 31 -28.45 -7.40 0.02
N PRO B 32 -28.43 -7.17 1.35
CA PRO B 32 -28.84 -8.27 2.21
C PRO B 32 -30.22 -8.87 1.80
N SER B 33 -31.12 -8.02 1.35
CA SER B 33 -32.48 -8.49 1.09
C SER B 33 -32.54 -9.30 -0.20
N ILE B 34 -31.59 -9.09 -1.15
CA ILE B 34 -31.58 -9.85 -2.39
C ILE B 34 -30.45 -10.90 -2.50
N SER B 35 -29.68 -11.16 -1.47
CA SER B 35 -28.46 -11.95 -1.68
C SER B 35 -28.74 -13.46 -1.66
N LYS B 36 -29.84 -13.80 -0.95
CA LYS B 36 -30.45 -15.13 -1.01
C LYS B 36 -29.47 -16.10 -0.39
N ASP B 37 -29.00 -17.10 -1.12
CA ASP B 37 -28.04 -18.06 -0.57
C ASP B 37 -26.58 -17.58 -0.76
N LYS B 38 -26.35 -16.46 -1.47
CA LYS B 38 -25.00 -16.03 -1.83
C LYS B 38 -24.35 -15.19 -0.78
N VAL B 39 -23.04 -15.31 -0.70
CA VAL B 39 -22.27 -14.44 0.15
C VAL B 39 -21.91 -13.16 -0.61
N SER B 40 -22.08 -12.02 0.01
CA SER B 40 -21.69 -10.76 -0.65
C SER B 40 -20.44 -10.24 0.06
N MET B 41 -19.57 -9.64 -0.71
CA MET B 41 -18.29 -9.23 -0.20
C MET B 41 -17.84 -7.98 -0.97
N VAL B 42 -17.14 -7.08 -0.30
CA VAL B 42 -16.60 -5.89 -0.92
C VAL B 42 -15.21 -5.57 -0.38
N PHE B 43 -14.37 -5.05 -1.28
CA PHE B 43 -12.96 -4.75 -1.03
C PHE B 43 -12.72 -3.31 -1.39
N PRO B 44 -12.90 -2.41 -0.42
CA PRO B 44 -12.68 -1.02 -0.61
C PRO B 44 -11.23 -0.72 -0.58
N SER B 45 -10.81 0.45 -1.05
CA SER B 45 -9.37 0.92 -0.91
C SER B 45 -9.00 0.99 0.56
N THR B 46 -7.73 0.76 0.86
CA THR B 46 -7.37 0.68 2.28
C THR B 46 -7.65 1.99 3.02
N LEU B 47 -7.44 3.10 2.34
CA LEU B 47 -7.74 4.43 2.93
C LEU B 47 -9.24 4.59 3.45
N HIS B 48 -10.15 3.81 2.88
CA HIS B 48 -11.61 3.87 3.18
C HIS B 48 -12.09 2.71 3.97
N LEU B 49 -11.21 1.83 4.35
CA LEU B 49 -11.68 0.60 4.98
C LEU B 49 -12.30 0.76 6.32
N GLU B 50 -11.74 1.63 7.16
CA GLU B 50 -12.33 1.87 8.47
C GLU B 50 -13.73 2.44 8.37
N ASN B 51 -13.84 3.45 7.53
CA ASN B 51 -15.15 4.05 7.23
C ASN B 51 -16.16 3.01 6.76
N VAL B 52 -15.84 2.30 5.68
CA VAL B 52 -16.74 1.33 5.09
C VAL B 52 -17.06 0.12 6.03
N SER B 53 -16.05 -0.37 6.73
CA SER B 53 -16.21 -1.39 7.75
C SER B 53 -17.26 -0.93 8.86
N LYS B 54 -17.16 0.30 9.34
CA LYS B 54 -18.16 0.80 10.32
C LYS B 54 -19.54 0.86 9.69
N ILE B 55 -19.67 1.32 8.44
CA ILE B 55 -20.98 1.34 7.76
C ILE B 55 -21.59 -0.03 7.64
N LEU B 56 -20.77 -1.01 7.31
CA LEU B 56 -21.28 -2.37 7.07
C LEU B 56 -21.31 -3.28 8.27
N GLU B 57 -20.88 -2.80 9.42
CA GLU B 57 -20.81 -3.64 10.61
C GLU B 57 -22.22 -4.16 10.97
N GLY B 58 -22.32 -5.46 11.21
CA GLY B 58 -23.56 -6.08 11.64
C GLY B 58 -24.44 -6.44 10.46
N SER B 59 -24.09 -5.98 9.25
CA SER B 59 -24.76 -6.44 8.05
C SER B 59 -24.20 -7.82 7.66
N SER B 60 -24.87 -8.48 6.76
CA SER B 60 -24.31 -9.74 6.25
C SER B 60 -23.24 -9.52 5.12
N VAL B 61 -22.98 -8.28 4.69
CA VAL B 61 -21.96 -7.94 3.67
C VAL B 61 -20.57 -7.94 4.26
N ILE B 62 -19.72 -8.81 3.75
CA ILE B 62 -18.35 -8.97 4.28
C ILE B 62 -17.43 -7.93 3.66
N VAL B 63 -16.58 -7.36 4.45
CA VAL B 63 -15.56 -6.40 3.95
C VAL B 63 -14.16 -7.01 3.96
N GLY B 64 -13.41 -6.91 2.87
CA GLY B 64 -12.07 -7.43 2.89
C GLY B 64 -11.05 -6.38 2.46
N ALA B 65 -9.77 -6.61 2.73
CA ALA B 65 -8.71 -5.73 2.25
C ALA B 65 -8.13 -6.20 0.97
N GLN B 66 -7.67 -5.24 0.17
CA GLN B 66 -7.07 -5.52 -1.11
C GLN B 66 -5.66 -5.98 -1.05
N ASN B 67 -4.96 -5.74 0.06
CA ASN B 67 -3.59 -6.19 0.18
C ASN B 67 -3.14 -6.03 1.63
N CYS B 68 -2.05 -6.68 1.99
CA CYS B 68 -1.42 -6.49 3.28
C CYS B 68 0.00 -6.96 3.18
N TYR B 69 0.76 -6.80 4.26
CA TYR B 69 2.15 -7.28 4.37
C TYR B 69 2.21 -8.45 5.42
N HIS B 70 3.14 -9.42 5.29
CA HIS B 70 3.15 -10.62 6.14
C HIS B 70 3.87 -10.36 7.45
N SER B 71 3.35 -9.44 8.24
CA SER B 71 3.91 -9.06 9.52
C SER B 71 2.82 -8.44 10.41
N GLY B 72 2.95 -8.74 11.70
CA GLY B 72 2.35 -8.03 12.78
C GLY B 72 2.96 -6.64 12.83
N LEU B 73 2.50 -5.81 13.74
CA LEU B 73 2.94 -4.39 13.81
C LEU B 73 4.45 -4.35 13.83
N ALA B 74 5.05 -3.52 12.99
CA ALA B 74 6.47 -3.51 12.78
C ALA B 74 6.85 -2.31 11.88
N ALA B 75 8.14 -2.23 11.61
CA ALA B 75 8.71 -1.10 10.85
C ALA B 75 8.71 -1.38 9.31
N PHE B 76 7.52 -1.25 8.69
CA PHE B 76 7.38 -1.44 7.21
C PHE B 76 6.60 -0.33 6.59
N THR B 77 7.36 0.78 6.31
CA THR B 77 6.77 1.98 5.88
C THR B 77 5.88 1.76 4.66
N GLY B 78 4.65 2.27 4.66
CA GLY B 78 3.72 2.14 3.51
C GLY B 78 2.85 0.90 3.51
N GLU B 79 3.18 -0.04 4.37
CA GLU B 79 2.40 -1.30 4.41
C GLU B 79 1.33 -1.33 5.50
N THR B 80 0.33 -2.21 5.27
CA THR B 80 -0.80 -2.49 6.19
C THR B 80 -0.62 -3.92 6.83
N SER B 81 -0.81 -4.01 8.12
CA SER B 81 -0.60 -5.23 8.87
C SER B 81 -1.93 -5.91 9.07
N PRO B 82 -1.95 -7.22 9.00
CA PRO B 82 -3.17 -7.89 9.47
C PRO B 82 -3.57 -7.58 10.85
N ASP B 83 -2.65 -7.25 11.76
CA ASP B 83 -3.02 -6.80 13.10
C ASP B 83 -3.92 -5.57 13.05
N GLN B 84 -3.60 -4.68 12.14
CA GLN B 84 -4.42 -3.47 11.97
C GLN B 84 -5.78 -3.75 11.37
N LEU B 85 -5.81 -4.62 10.37
CA LEU B 85 -7.10 -5.09 9.85
C LEU B 85 -8.01 -5.82 10.82
N LYS B 86 -7.45 -6.71 11.63
CA LYS B 86 -8.25 -7.51 12.56
C LYS B 86 -8.91 -6.53 13.55
N GLU B 87 -8.19 -5.48 13.92
CA GLU B 87 -8.68 -4.48 14.88
C GLU B 87 -9.94 -3.83 14.44
N ILE B 88 -10.06 -3.50 13.15
CA ILE B 88 -11.28 -2.95 12.61
C ILE B 88 -12.33 -3.90 12.06
N GLY B 89 -12.10 -5.17 12.29
CA GLY B 89 -13.05 -6.26 12.03
C GLY B 89 -12.92 -6.77 10.61
N VAL B 90 -11.85 -6.44 9.92
CA VAL B 90 -11.62 -6.96 8.57
C VAL B 90 -10.80 -8.21 8.63
N LYS B 91 -11.41 -9.30 8.19
CA LYS B 91 -10.83 -10.66 8.36
C LYS B 91 -10.62 -11.40 7.04
N VAL B 92 -10.90 -10.74 5.91
CA VAL B 92 -10.68 -11.28 4.60
C VAL B 92 -9.65 -10.40 3.92
N VAL B 93 -8.62 -11.01 3.33
CA VAL B 93 -7.61 -10.28 2.60
C VAL B 93 -7.40 -10.91 1.24
N MET B 94 -7.35 -10.08 0.22
CA MET B 94 -7.01 -10.52 -1.14
C MET B 94 -5.51 -10.58 -1.35
N VAL B 95 -5.05 -11.59 -2.10
CA VAL B 95 -3.62 -11.77 -2.38
C VAL B 95 -3.50 -12.14 -3.84
N GLY B 96 -2.46 -11.58 -4.47
CA GLY B 96 -1.97 -11.97 -5.81
C GLY B 96 -2.85 -11.40 -6.93
N HIS B 97 -3.64 -10.41 -6.63
CA HIS B 97 -4.35 -9.73 -7.72
C HIS B 97 -3.41 -9.39 -8.88
N SER B 98 -3.90 -9.55 -10.12
CA SER B 98 -3.11 -9.29 -11.30
C SER B 98 -2.35 -7.96 -11.33
N GLU B 99 -3.04 -6.89 -10.94
CA GLU B 99 -2.43 -5.57 -10.86
C GLU B 99 -1.26 -5.49 -9.88
N ARG B 100 -1.28 -6.29 -8.81
CA ARG B 100 -0.17 -6.34 -7.90
C ARG B 100 0.98 -7.20 -8.46
N ARG B 101 0.66 -8.35 -9.07
CA ARG B 101 1.65 -9.09 -9.79
C ARG B 101 2.36 -8.29 -10.83
N GLN B 102 1.62 -7.60 -11.66
CA GLN B 102 2.22 -6.90 -12.80
C GLN B 102 2.90 -5.57 -12.48
N PHE B 103 2.22 -4.71 -11.70
CA PHE B 103 2.61 -3.35 -11.52
C PHE B 103 3.32 -3.16 -10.21
N LEU B 104 3.16 -4.09 -9.24
CA LEU B 104 3.96 -4.01 -8.03
C LEU B 104 4.93 -5.16 -7.87
N GLY B 105 4.99 -5.97 -8.91
CA GLY B 105 6.02 -6.97 -9.05
C GLY B 105 5.86 -8.14 -8.05
N GLU B 106 4.65 -8.46 -7.61
CA GLU B 106 4.48 -9.49 -6.56
C GLU B 106 4.59 -10.89 -7.19
N SER B 107 5.50 -11.72 -6.65
CA SER B 107 5.76 -13.05 -7.19
C SER B 107 4.87 -14.07 -6.46
N ASN B 108 4.90 -15.32 -6.92
CA ASN B 108 4.20 -16.36 -6.24
C ASN B 108 4.74 -16.64 -4.80
N PHE B 109 6.04 -16.48 -4.63
CA PHE B 109 6.72 -16.64 -3.34
C PHE B 109 6.30 -15.57 -2.34
N PHE B 110 6.20 -14.32 -2.80
CA PHE B 110 5.72 -13.23 -1.95
C PHE B 110 4.26 -13.53 -1.62
N CYS B 111 3.44 -13.96 -2.60
CA CYS B 111 2.12 -14.34 -2.32
C CYS B 111 2.07 -15.43 -1.18
N ASN B 112 2.83 -16.49 -1.37
CA ASN B 112 2.88 -17.61 -0.38
C ASN B 112 3.15 -17.07 1.05
N ASP B 113 4.11 -16.14 1.20
CA ASP B 113 4.43 -15.52 2.51
C ASP B 113 3.24 -14.85 3.05
N LYS B 114 2.50 -14.12 2.19
CA LYS B 114 1.32 -13.50 2.66
C LYS B 114 0.26 -14.49 3.06
N ILE B 115 0.03 -15.47 2.21
CA ILE B 115 -1.05 -16.46 2.50
C ILE B 115 -0.84 -17.26 3.77
N ARG B 116 0.40 -17.67 3.94
CA ARG B 116 0.71 -18.44 5.16
C ARG B 116 0.52 -17.60 6.40
N PHE B 117 0.98 -16.36 6.37
CA PHE B 117 0.82 -15.50 7.53
C PHE B 117 -0.67 -15.33 7.88
N LEU B 118 -1.50 -15.10 6.86
CA LEU B 118 -2.87 -14.75 7.05
C LEU B 118 -3.62 -16.00 7.53
N LEU B 119 -3.36 -17.14 6.89
CA LEU B 119 -4.09 -18.37 7.28
C LEU B 119 -3.68 -18.79 8.67
N LYS B 120 -2.40 -18.76 8.97
CA LYS B 120 -1.93 -19.08 10.31
C LYS B 120 -2.61 -18.22 11.35
N ASN B 121 -2.90 -16.94 11.02
CA ASN B 121 -3.50 -15.99 11.96
C ASN B 121 -5.01 -15.85 11.80
N GLU B 122 -5.63 -16.91 11.27
CA GLU B 122 -7.08 -17.10 11.24
C GLU B 122 -7.79 -16.09 10.33
N PHE B 123 -7.09 -15.54 9.35
CA PHE B 123 -7.78 -14.77 8.32
C PHE B 123 -8.31 -15.67 7.26
N THR B 124 -9.29 -15.17 6.51
CA THR B 124 -9.72 -15.74 5.24
C THR B 124 -8.97 -15.04 4.12
N VAL B 125 -8.55 -15.86 3.12
CA VAL B 125 -7.72 -15.36 2.02
C VAL B 125 -8.39 -15.63 0.69
N LEU B 126 -8.44 -14.60 -0.14
CA LEU B 126 -8.90 -14.71 -1.51
C LEU B 126 -7.68 -14.54 -2.39
N TYR B 127 -7.22 -15.67 -2.96
CA TYR B 127 -5.97 -15.73 -3.68
C TYR B 127 -6.35 -15.76 -5.19
N CYS B 128 -5.77 -14.82 -5.93
CA CYS B 128 -6.03 -14.64 -7.35
C CYS B 128 -4.95 -15.34 -8.14
N VAL B 129 -5.38 -16.00 -9.22
CA VAL B 129 -4.45 -16.58 -10.17
C VAL B 129 -4.98 -16.25 -11.59
N GLY B 130 -4.14 -16.41 -12.61
CA GLY B 130 -4.54 -16.04 -13.96
C GLY B 130 -3.38 -15.88 -14.85
N GLU B 131 -3.62 -16.24 -16.13
CA GLU B 131 -2.63 -16.04 -17.19
C GLU B 131 -2.84 -14.82 -18.05
N THR B 132 -1.78 -14.37 -18.67
CA THR B 132 -1.86 -13.22 -19.63
C THR B 132 -2.27 -13.68 -21.02
N LEU B 133 -2.60 -12.72 -21.89
CA LEU B 133 -2.89 -13.05 -23.30
C LEU B 133 -1.74 -13.84 -23.93
N SER B 134 -0.49 -13.40 -23.71
CA SER B 134 0.65 -14.03 -24.34
C SER B 134 0.83 -15.42 -23.82
N GLU B 135 0.60 -15.60 -22.53
CA GLU B 135 0.71 -16.96 -21.95
C GLU B 135 -0.35 -17.90 -22.51
N ARG B 136 -1.57 -17.41 -22.65
CA ARG B 136 -2.65 -18.19 -23.24
C ARG B 136 -2.34 -18.57 -24.71
N GLU B 137 -1.87 -17.59 -25.43
CA GLU B 137 -1.53 -17.76 -26.88
C GLU B 137 -0.30 -18.60 -27.16
N SER B 138 0.59 -18.75 -26.19
CA SER B 138 1.71 -19.64 -26.35
C SER B 138 1.50 -21.03 -25.65
N GLY B 139 0.26 -21.34 -25.28
CA GLY B 139 -0.07 -22.62 -24.73
C GLY B 139 0.52 -22.84 -23.30
N LYS B 140 0.79 -21.73 -22.55
CA LYS B 140 1.37 -21.72 -21.20
C LYS B 140 0.33 -21.62 -20.09
N THR B 141 -0.96 -21.63 -20.44
CA THR B 141 -1.98 -21.38 -19.45
C THR B 141 -1.83 -22.30 -18.23
N LEU B 142 -1.64 -23.58 -18.51
CA LEU B 142 -1.56 -24.57 -17.47
C LEU B 142 -0.30 -24.50 -16.64
N GLU B 143 0.82 -24.24 -17.29
CA GLU B 143 2.07 -24.05 -16.60
C GLU B 143 2.05 -22.88 -15.55
N VAL B 144 1.49 -21.78 -15.99
CA VAL B 144 1.28 -20.57 -15.17
C VAL B 144 0.38 -20.87 -14.00
N LEU B 145 -0.77 -21.44 -14.27
CA LEU B 145 -1.76 -21.64 -13.23
C LEU B 145 -1.28 -22.69 -12.22
N SER B 146 -0.70 -23.76 -12.75
CA SER B 146 -0.04 -24.79 -11.90
C SER B 146 0.95 -24.21 -10.97
N SER B 147 1.83 -23.38 -11.50
CA SER B 147 2.87 -22.63 -10.76
C SER B 147 2.28 -21.71 -9.72
N GLN B 148 1.29 -20.94 -10.13
CA GLN B 148 0.62 -20.04 -9.13
C GLN B 148 0.02 -20.74 -7.97
N ILE B 149 -0.56 -21.92 -8.21
CA ILE B 149 -1.24 -22.66 -7.18
C ILE B 149 -0.19 -23.38 -6.33
N ARG B 150 0.74 -24.05 -6.97
CA ARG B 150 1.65 -24.92 -6.21
C ARG B 150 2.62 -24.07 -5.43
N GLU B 151 3.16 -23.04 -6.03
CA GLU B 151 4.04 -22.16 -5.32
C GLU B 151 3.26 -21.21 -4.41
N GLY B 152 2.07 -20.73 -4.83
CA GLY B 152 1.35 -19.86 -3.92
C GLY B 152 0.91 -20.52 -2.65
N LEU B 153 0.56 -21.81 -2.76
CA LEU B 153 -0.06 -22.51 -1.71
C LEU B 153 0.92 -23.56 -1.06
N LYS B 154 2.23 -23.45 -1.32
CA LYS B 154 3.25 -24.31 -0.77
C LYS B 154 3.20 -24.30 0.75
N GLY B 155 3.21 -25.48 1.34
CA GLY B 155 3.50 -25.53 2.74
C GLY B 155 2.28 -25.24 3.60
N ILE B 156 1.10 -25.10 2.98
CA ILE B 156 -0.16 -24.86 3.69
C ILE B 156 -0.92 -26.19 3.90
N ASP B 157 -1.21 -26.55 5.14
CA ASP B 157 -1.85 -27.84 5.47
C ASP B 157 -3.30 -27.71 5.09
N SER B 158 -3.94 -28.83 4.86
CA SER B 158 -5.31 -28.90 4.39
C SER B 158 -6.29 -28.35 5.33
N VAL B 159 -5.98 -28.36 6.64
CA VAL B 159 -6.98 -27.85 7.58
C VAL B 159 -7.19 -26.33 7.34
N PHE B 160 -6.21 -25.64 6.75
CA PHE B 160 -6.39 -24.18 6.56
C PHE B 160 -7.26 -23.86 5.35
N PHE B 161 -7.57 -24.87 4.50
CA PHE B 161 -8.23 -24.59 3.26
C PHE B 161 -9.69 -24.19 3.41
N SER B 162 -10.31 -24.43 4.57
CA SER B 162 -11.64 -23.92 4.81
C SER B 162 -11.68 -22.38 4.81
N ASN B 163 -10.53 -21.71 5.03
CA ASN B 163 -10.43 -20.27 5.01
C ASN B 163 -9.80 -19.71 3.74
N LEU B 164 -9.70 -20.55 2.71
CA LEU B 164 -9.14 -20.11 1.44
C LEU B 164 -10.26 -20.09 0.41
N ILE B 165 -10.24 -19.03 -0.41
CA ILE B 165 -11.10 -18.80 -1.57
C ILE B 165 -10.19 -18.50 -2.76
N LEU B 166 -10.48 -19.04 -3.92
CA LEU B 166 -9.68 -18.76 -5.08
C LEU B 166 -10.49 -17.95 -6.09
N ALA B 167 -9.75 -17.17 -6.88
CA ALA B 167 -10.28 -16.42 -8.07
C ALA B 167 -9.40 -16.61 -9.23
N TYR B 168 -10.03 -17.03 -10.34
CA TYR B 168 -9.40 -17.11 -11.64
C TYR B 168 -9.74 -15.87 -12.43
N GLU B 169 -8.72 -15.10 -12.72
CA GLU B 169 -8.94 -13.84 -13.46
C GLU B 169 -7.90 -13.82 -14.52
N PRO B 170 -8.26 -14.27 -15.70
CA PRO B 170 -7.31 -14.17 -16.78
C PRO B 170 -7.00 -12.69 -17.12
N VAL B 171 -5.75 -12.36 -17.28
CA VAL B 171 -5.36 -10.95 -17.42
C VAL B 171 -5.97 -10.33 -18.65
N TRP B 172 -6.10 -11.11 -19.72
CA TRP B 172 -6.79 -10.68 -20.92
C TRP B 172 -8.26 -10.25 -20.74
N ALA B 173 -8.87 -10.59 -19.61
CA ALA B 173 -10.26 -10.20 -19.32
C ALA B 173 -10.43 -9.06 -18.31
N ILE B 174 -9.32 -8.59 -17.76
CA ILE B 174 -9.40 -7.64 -16.68
C ILE B 174 -9.50 -6.25 -17.31
N GLY B 175 -10.69 -5.66 -17.21
CA GLY B 175 -10.85 -4.28 -17.62
C GLY B 175 -10.92 -4.07 -19.14
N THR B 176 -10.83 -5.14 -19.90
CA THR B 176 -10.80 -5.08 -21.34
C THR B 176 -12.19 -5.21 -21.94
N GLY B 177 -13.18 -5.61 -21.18
CA GLY B 177 -14.49 -5.90 -21.75
C GLY B 177 -14.58 -7.27 -22.40
N LYS B 178 -13.49 -8.05 -22.39
CA LYS B 178 -13.43 -9.38 -23.03
C LYS B 178 -13.49 -10.49 -21.96
N VAL B 179 -14.71 -10.77 -21.56
CA VAL B 179 -15.03 -11.79 -20.59
C VAL B 179 -14.72 -13.16 -21.14
N ALA B 180 -14.15 -14.04 -20.28
CA ALA B 180 -14.04 -15.45 -20.66
C ALA B 180 -15.46 -15.96 -20.94
N THR B 181 -15.57 -16.82 -21.97
CA THR B 181 -16.82 -17.52 -22.13
C THR B 181 -17.04 -18.50 -20.97
N PRO B 182 -18.30 -18.89 -20.75
CA PRO B 182 -18.49 -19.97 -19.80
C PRO B 182 -17.66 -21.21 -20.02
N SER B 183 -17.52 -21.73 -21.22
CA SER B 183 -16.66 -22.92 -21.44
C SER B 183 -15.27 -22.68 -21.16
N GLN B 184 -14.77 -21.52 -21.58
CA GLN B 184 -13.33 -21.23 -21.30
C GLN B 184 -13.01 -21.16 -19.81
N ALA B 185 -13.93 -20.59 -19.08
CA ALA B 185 -13.73 -20.38 -17.65
C ALA B 185 -13.94 -21.71 -16.98
N GLN B 186 -14.96 -22.43 -17.39
CA GLN B 186 -15.23 -23.72 -16.81
C GLN B 186 -14.06 -24.67 -17.00
N GLU B 187 -13.44 -24.69 -18.18
CA GLU B 187 -12.25 -25.52 -18.43
C GLU B 187 -11.10 -25.27 -17.45
N VAL B 188 -10.84 -24.01 -17.23
CA VAL B 188 -9.74 -23.59 -16.35
C VAL B 188 -10.13 -23.94 -14.93
N HIS B 189 -11.34 -23.61 -14.51
CA HIS B 189 -11.78 -23.88 -13.11
C HIS B 189 -11.68 -25.37 -12.80
N SER B 190 -12.02 -26.23 -13.77
CA SER B 190 -11.94 -27.65 -13.53
C SER B 190 -10.46 -28.09 -13.35
N PHE B 191 -9.52 -27.52 -14.13
CA PHE B 191 -8.10 -27.75 -13.94
C PHE B 191 -7.63 -27.30 -12.55
N ILE B 192 -8.07 -26.10 -12.14
CA ILE B 192 -7.66 -25.57 -10.83
C ILE B 192 -8.13 -26.46 -9.74
N ARG B 193 -9.42 -26.83 -9.79
CA ARG B 193 -9.99 -27.73 -8.80
C ARG B 193 -9.19 -29.03 -8.66
N LYS B 194 -8.72 -29.57 -9.78
CA LYS B 194 -7.89 -30.81 -9.81
C LYS B 194 -6.54 -30.60 -9.13
N GLU B 195 -5.94 -29.42 -9.36
CA GLU B 195 -4.67 -29.06 -8.77
C GLU B 195 -4.79 -28.97 -7.26
N ILE B 196 -5.91 -28.42 -6.80
CA ILE B 196 -6.14 -28.32 -5.40
C ILE B 196 -6.26 -29.75 -4.80
N SER B 197 -7.05 -30.61 -5.41
CA SER B 197 -7.14 -32.01 -4.97
C SER B 197 -5.75 -32.68 -4.88
N GLY B 198 -4.97 -32.43 -5.93
CA GLY B 198 -3.70 -33.03 -6.11
C GLY B 198 -2.64 -32.51 -5.16
N LEU B 199 -2.83 -31.37 -4.51
CA LEU B 199 -1.86 -30.93 -3.52
C LEU B 199 -1.67 -31.94 -2.36
N PHE B 200 -2.75 -32.60 -1.97
CA PHE B 200 -2.77 -33.54 -0.77
C PHE B 200 -3.00 -34.99 -1.19
N VAL B 201 -3.13 -35.15 -2.49
CA VAL B 201 -3.36 -36.45 -3.15
C VAL B 201 -4.69 -37.08 -2.78
N GLY B 202 -5.57 -36.92 -3.75
CA GLY B 202 -6.94 -37.39 -3.73
C GLY B 202 -7.85 -36.66 -2.75
N ALA B 203 -7.54 -35.39 -2.40
CA ALA B 203 -8.34 -34.70 -1.34
C ALA B 203 -9.59 -34.09 -1.92
N SER B 204 -10.52 -34.96 -2.37
CA SER B 204 -11.73 -34.57 -3.00
C SER B 204 -12.62 -33.73 -2.11
N SER B 205 -12.54 -33.97 -0.80
CA SER B 205 -13.38 -33.18 0.10
C SER B 205 -12.85 -31.76 0.16
N ILE B 206 -11.52 -31.59 0.11
CA ILE B 206 -10.91 -30.25 0.08
C ILE B 206 -11.24 -29.49 -1.20
N SER B 207 -11.13 -30.19 -2.31
CA SER B 207 -11.20 -29.53 -3.62
C SER B 207 -12.69 -29.26 -3.89
N GLU B 208 -13.58 -30.13 -3.40
CA GLU B 208 -15.00 -29.91 -3.66
C GLU B 208 -15.54 -28.88 -2.72
N SER B 209 -14.88 -28.64 -1.58
CA SER B 209 -15.40 -27.58 -0.66
C SER B 209 -14.88 -26.14 -0.90
N ILE B 210 -13.90 -25.97 -1.75
CA ILE B 210 -13.29 -24.66 -1.99
C ILE B 210 -14.07 -23.88 -3.07
N SER B 211 -14.44 -22.64 -2.76
CA SER B 211 -15.04 -21.73 -3.78
C SER B 211 -14.00 -21.25 -4.66
N ILE B 212 -14.24 -21.38 -5.97
CA ILE B 212 -13.37 -20.83 -6.99
C ILE B 212 -14.18 -19.86 -7.88
N LEU B 213 -13.88 -18.56 -7.73
CA LEU B 213 -14.62 -17.48 -8.38
C LEU B 213 -14.04 -17.15 -9.68
N TYR B 214 -14.88 -16.68 -10.60
CA TYR B 214 -14.38 -16.17 -11.85
C TYR B 214 -14.35 -14.63 -11.85
N GLY B 215 -13.26 -14.05 -12.35
CA GLY B 215 -13.22 -12.58 -12.55
C GLY B 215 -12.54 -12.14 -13.82
N GLY B 216 -12.91 -10.95 -14.27
CA GLY B 216 -12.43 -10.41 -15.54
C GLY B 216 -13.64 -10.07 -16.41
N SER B 217 -14.06 -8.80 -16.37
CA SER B 217 -15.25 -8.32 -17.09
C SER B 217 -16.59 -8.95 -16.76
N VAL B 218 -16.79 -9.37 -15.54
CA VAL B 218 -18.04 -9.89 -15.08
C VAL B 218 -19.04 -8.74 -14.97
N LYS B 219 -20.23 -8.92 -15.53
CA LYS B 219 -21.25 -7.85 -15.55
C LYS B 219 -22.57 -8.52 -15.28
N PRO B 220 -23.61 -7.73 -14.91
CA PRO B 220 -24.95 -8.30 -14.75
C PRO B 220 -25.42 -9.17 -15.91
N ASP B 221 -25.06 -8.85 -17.15
CA ASP B 221 -25.65 -9.61 -18.22
C ASP B 221 -24.84 -10.86 -18.56
N ASN B 222 -23.70 -11.10 -17.92
CA ASN B 222 -22.93 -12.34 -18.18
C ASN B 222 -22.71 -13.22 -17.03
N ILE B 223 -23.07 -12.76 -15.84
CA ILE B 223 -22.76 -13.51 -14.64
C ILE B 223 -23.50 -14.84 -14.55
N GLN B 224 -24.74 -14.84 -14.99
CA GLN B 224 -25.59 -16.00 -14.73
C GLN B 224 -25.10 -17.24 -15.46
N ASP B 225 -24.69 -17.04 -16.71
CA ASP B 225 -24.21 -18.15 -17.52
C ASP B 225 -22.89 -18.66 -17.00
N LEU B 226 -22.09 -17.77 -16.42
CA LEU B 226 -20.89 -18.24 -15.71
C LEU B 226 -21.19 -19.06 -14.47
N LEU B 227 -22.02 -18.53 -13.59
CA LEU B 227 -22.43 -19.20 -12.36
C LEU B 227 -23.07 -20.62 -12.61
N LYS B 228 -23.71 -20.81 -13.75
CA LYS B 228 -24.30 -22.10 -14.09
C LYS B 228 -23.26 -23.20 -14.23
N GLU B 229 -22.01 -22.89 -14.58
CA GLU B 229 -20.98 -23.91 -14.76
C GLU B 229 -20.64 -24.57 -13.43
N LYS B 230 -20.32 -25.86 -13.53
CA LYS B 230 -20.09 -26.78 -12.41
C LYS B 230 -19.00 -26.30 -11.46
N ASP B 231 -17.91 -25.82 -12.01
CA ASP B 231 -16.74 -25.43 -11.20
C ASP B 231 -16.57 -23.97 -10.97
N ILE B 232 -17.53 -23.15 -11.43
CA ILE B 232 -17.58 -21.69 -11.12
C ILE B 232 -18.54 -21.43 -9.95
N ASP B 233 -17.98 -20.94 -8.83
CA ASP B 233 -18.68 -20.67 -7.62
C ASP B 233 -18.97 -19.20 -7.30
N GLY B 234 -18.81 -18.36 -8.30
CA GLY B 234 -19.14 -16.99 -8.10
C GLY B 234 -18.29 -16.05 -8.93
N GLY B 235 -18.35 -14.78 -8.53
CA GLY B 235 -17.71 -13.75 -9.31
C GLY B 235 -16.87 -12.83 -8.43
N LEU B 236 -15.71 -12.49 -8.97
CA LEU B 236 -14.88 -11.40 -8.46
C LEU B 236 -14.95 -10.26 -9.49
N VAL B 237 -15.54 -9.15 -9.10
CA VAL B 237 -16.07 -8.13 -10.03
C VAL B 237 -15.51 -6.79 -9.73
N GLY B 238 -14.88 -6.22 -10.76
CA GLY B 238 -14.20 -4.93 -10.65
C GLY B 238 -15.15 -3.78 -10.97
N GLY B 239 -15.09 -3.36 -12.19
CA GLY B 239 -15.88 -2.20 -12.66
C GLY B 239 -17.34 -2.29 -12.36
N ALA B 240 -17.95 -3.42 -12.63
CA ALA B 240 -19.39 -3.48 -12.36
C ALA B 240 -19.77 -3.57 -10.88
N SER B 241 -18.81 -3.73 -9.95
CA SER B 241 -19.19 -3.71 -8.54
C SER B 241 -19.23 -2.29 -7.99
N GLN B 242 -18.81 -1.32 -8.78
CA GLN B 242 -18.43 -0.01 -8.23
C GLN B 242 -19.54 1.08 -8.31
N LYS B 243 -20.75 0.66 -8.69
CA LYS B 243 -21.98 1.46 -8.65
C LYS B 243 -22.99 0.53 -8.04
N ILE B 244 -23.87 1.04 -7.19
CA ILE B 244 -24.87 0.15 -6.63
C ILE B 244 -25.70 -0.55 -7.71
N SER B 245 -26.10 0.11 -8.79
CA SER B 245 -27.12 -0.52 -9.64
C SER B 245 -26.55 -1.74 -10.36
N SER B 246 -25.34 -1.67 -10.95
CA SER B 246 -24.74 -2.89 -11.52
C SER B 246 -24.33 -3.90 -10.44
N PHE B 247 -23.88 -3.47 -9.27
CA PHE B 247 -23.63 -4.45 -8.20
C PHE B 247 -24.87 -5.20 -7.78
N ALA B 248 -25.98 -4.53 -7.54
CA ALA B 248 -27.22 -5.28 -7.21
C ALA B 248 -27.70 -6.18 -8.34
N GLY B 249 -27.43 -5.77 -9.53
CA GLY B 249 -27.83 -6.51 -10.74
C GLY B 249 -27.07 -7.80 -10.95
N LEU B 250 -26.03 -8.05 -10.17
CA LEU B 250 -25.32 -9.34 -10.20
C LEU B 250 -26.00 -10.35 -9.36
N PHE B 251 -26.92 -10.01 -8.47
CA PHE B 251 -27.52 -10.98 -7.55
C PHE B 251 -28.83 -11.55 -8.11
P 13P C . 13.98 5.12 13.44
O1P 13P C . 13.95 6.61 13.83
O2P 13P C . 15.42 4.63 13.47
O3P 13P C . 13.07 4.11 14.07
O1 13P C . 13.51 5.16 11.90
C1 13P C . 13.47 6.36 11.14
C2 13P C . 12.90 6.10 9.80
O2 13P C . 13.47 5.35 9.00
C3 13P C . 11.62 6.88 9.57
O3 13P C . 11.41 7.33 8.26
S SO4 D . 14.17 5.19 13.29
O1 SO4 D . 14.04 6.66 13.44
O2 SO4 D . 13.13 4.66 12.40
O3 SO4 D . 14.04 4.48 14.59
O4 SO4 D . 15.53 4.97 12.74
C1 EDO E . -12.46 7.63 9.87
O1 EDO E . -12.69 8.19 11.16
C2 EDO E . -13.29 6.37 9.74
O2 EDO E . -14.71 6.65 9.57
C1 EDO F . 6.79 16.54 -12.97
O1 EDO F . 8.17 16.86 -12.95
C2 EDO F . 6.17 17.23 -14.17
O2 EDO F . 6.04 16.26 -15.21
C1 EDO G . 23.40 31.09 -2.24
O1 EDO G . 23.87 29.87 -2.85
C2 EDO G . 21.99 31.10 -1.64
O2 EDO G . 20.96 30.92 -2.64
C1 EDO H . 23.87 8.91 -11.53
O1 EDO H . 25.07 9.11 -10.69
C2 EDO H . 23.94 7.61 -12.37
O2 EDO H . 23.12 6.51 -11.87
C1 EDO I . 11.30 22.75 0.38
O1 EDO I . 12.12 21.64 0.73
C2 EDO I . 10.12 22.84 1.36
O2 EDO I . 10.62 22.97 2.70
C1 EDO J . 21.18 17.31 21.95
O1 EDO J . 21.83 16.79 20.78
C2 EDO J . 19.80 16.64 22.08
O2 EDO J . 18.81 17.29 21.34
C1 EDO K . 8.30 -7.09 -4.19
O1 EDO K . 8.70 -7.98 -3.16
C2 EDO K . 9.56 -6.75 -4.97
O2 EDO K . 9.37 -6.52 -6.39
C1 EDO L . 30.09 11.01 -7.30
O1 EDO L . 30.75 11.83 -6.33
C2 EDO L . 31.05 9.86 -7.53
O2 EDO L . 30.46 8.64 -7.08
C1 EDO M . 20.83 34.59 -0.60
O1 EDO M . 21.88 34.74 0.37
C2 EDO M . 20.07 35.89 -0.58
O2 EDO M . 19.28 35.89 0.61
P 13P N . -13.08 -6.05 -14.08
O1P 13P N . -12.70 -6.63 -15.44
O2P 13P N . -14.34 -6.64 -13.53
O3P 13P N . -13.09 -4.52 -14.11
O1 13P N . -11.81 -6.32 -13.18
C1 13P N . -11.95 -7.44 -12.30
C2 13P N . -10.77 -7.67 -11.41
O2 13P N . -9.61 -7.67 -11.88
C3 13P N . -11.31 -7.85 -10.00
O3 13P N . -10.51 -8.26 -8.91
S SO4 O . -13.34 -5.76 -14.28
O1 SO4 O . -14.42 -5.30 -15.17
O2 SO4 O . -12.40 -6.62 -15.05
O3 SO4 O . -12.65 -4.56 -13.76
O4 SO4 O . -13.89 -6.58 -13.18
C1 EDO P . 0.31 -22.13 8.95
O1 EDO P . 1.74 -21.98 8.85
C2 EDO P . -0.41 -21.77 7.65
O2 EDO P . 0.40 -22.26 6.58
C1 EDO Q . -8.37 -39.49 -6.52
O1 EDO Q . -7.90 -40.29 -5.40
C2 EDO Q . -7.33 -39.26 -7.62
O2 EDO Q . -6.00 -39.25 -7.09
C1 EDO R . -9.98 -43.54 -3.61
O1 EDO R . -11.27 -43.93 -4.06
C2 EDO R . -8.98 -43.84 -4.69
O2 EDO R . -9.39 -43.23 -5.90
C1 EDO S . -7.83 -24.23 10.90
O1 EDO S . -6.93 -23.71 11.89
C2 EDO S . -8.50 -23.05 10.21
O2 EDO S . -9.81 -23.02 10.72
C1 EDO T . 6.46 -14.66 10.24
O1 EDO T . 6.18 -13.43 9.54
C2 EDO T . 5.42 -14.99 11.35
O2 EDO T . 4.50 -16.08 11.05
C1 EDO U . 7.16 -2.03 -8.93
O1 EDO U . 8.00 -2.15 -7.77
C2 EDO U . 7.98 -2.05 -10.21
O2 EDO U . 7.98 -3.40 -10.71
#